data_6P38
#
_entry.id   6P38
#
_cell.length_a   95.890
_cell.length_b   95.890
_cell.length_c   94.220
_cell.angle_alpha   90.000
_cell.angle_beta   90.000
_cell.angle_gamma   120.000
#
_symmetry.space_group_name_H-M   'P 31 2 1'
#
loop_
_entity.id
_entity.type
_entity.pdbx_description
1 polymer 'Transcription initiation factor TFIID subunit 1'
2 non-polymer 4-{[(3R)-4-cyclopentyl-1,3-dimethyl-2-oxo-1,2,3,4-tetrahydropyrido[2,3-b]pyrazin-6-yl]amino}-N-(1-methylpiperidin-4-yl)-3-[(propan-2-yl)oxy]benzamide
#
_entity_poly.entity_id   1
_entity_poly.type   'polypeptide(L)'
_entity_poly.pdbx_seq_one_letter_code
;SMDDDQVAFSFILDNIVTQKMMAVPDSWPFHHPVNKKFVPDYYKVIVNPMDLETIRKNISKHKYQSRESFLDDVNLILAN
SVKYNGPESQYTKTAQEIVNVCYQTLTEYDEHLTQLEKDICTAKEAALEEAELESLD
;
_entity_poly.pdbx_strand_id   A
#
# COMPACT_ATOMS: atom_id res chain seq x y z
N MET A 2 6.02 -19.40 15.26
CA MET A 2 4.73 -19.21 15.90
C MET A 2 3.98 -18.05 15.24
N ASP A 3 3.51 -17.12 16.06
CA ASP A 3 2.81 -15.91 15.58
C ASP A 3 3.71 -15.04 14.69
N ASP A 4 5.03 -15.31 14.68
CA ASP A 4 6.01 -14.43 14.04
C ASP A 4 5.72 -14.22 12.57
N ASP A 5 5.02 -15.16 11.93
CA ASP A 5 4.87 -15.08 10.48
C ASP A 5 4.15 -13.80 10.08
N GLN A 6 2.97 -13.54 10.66
CA GLN A 6 2.24 -12.32 10.33
C GLN A 6 3.03 -11.07 10.69
N VAL A 7 3.71 -11.07 11.84
CA VAL A 7 4.41 -9.84 12.21
C VAL A 7 5.58 -9.59 11.26
N ALA A 8 6.26 -10.65 10.82
CA ALA A 8 7.36 -10.43 9.89
C ALA A 8 6.83 -9.91 8.56
N PHE A 9 5.74 -10.48 8.08
CA PHE A 9 5.14 -10.02 6.83
C PHE A 9 4.79 -8.54 6.90
N SER A 10 4.06 -8.13 7.94
CA SER A 10 3.72 -6.71 8.04
C SER A 10 4.97 -5.88 8.24
N PHE A 11 5.98 -6.44 8.88
CA PHE A 11 7.21 -5.69 9.01
C PHE A 11 7.81 -5.35 7.64
N ILE A 12 7.90 -6.37 6.76
CA ILE A 12 8.49 -6.14 5.44
C ILE A 12 7.66 -5.17 4.65
N LEU A 13 6.33 -5.27 4.79
CA LEU A 13 5.45 -4.33 4.12
C LEU A 13 5.70 -2.91 4.59
N ASP A 14 5.71 -2.69 5.90
CA ASP A 14 5.93 -1.34 6.39
C ASP A 14 7.20 -0.74 5.81
N ASN A 15 8.24 -1.55 5.68
CA ASN A 15 9.51 -0.96 5.28
C ASN A 15 9.52 -0.65 3.81
N ILE A 16 8.88 -1.50 3.00
CA ILE A 16 8.69 -1.17 1.59
C ILE A 16 8.00 0.18 1.47
N VAL A 17 6.90 0.37 2.19
CA VAL A 17 6.27 1.68 2.19
C VAL A 17 7.27 2.74 2.60
N THR A 18 7.87 2.59 3.78
CA THR A 18 8.62 3.73 4.32
C THR A 18 9.90 3.98 3.55
N GLN A 19 10.64 2.94 3.21
CA GLN A 19 11.98 3.19 2.71
C GLN A 19 12.08 3.02 1.20
N LYS A 20 11.11 2.39 0.53
CA LYS A 20 11.13 2.47 -0.92
C LYS A 20 10.00 3.31 -1.50
N MET A 21 8.75 3.12 -1.06
CA MET A 21 7.65 3.87 -1.69
C MET A 21 7.68 5.36 -1.32
N MET A 22 7.79 5.68 -0.03
CA MET A 22 7.80 7.10 0.30
C MET A 22 9.07 7.81 -0.17
N ALA A 23 10.05 7.06 -0.68
CA ALA A 23 11.27 7.63 -1.20
C ALA A 23 11.16 8.11 -2.65
N VAL A 24 10.04 7.87 -3.31
CA VAL A 24 9.90 8.38 -4.68
C VAL A 24 10.02 9.90 -4.64
N PRO A 25 10.79 10.52 -5.53
CA PRO A 25 10.86 11.99 -5.53
C PRO A 25 9.46 12.59 -5.61
N ASP A 26 9.23 13.64 -4.83
CA ASP A 26 8.00 14.44 -4.91
C ASP A 26 6.77 13.59 -4.65
N SER A 27 6.87 12.63 -3.73
CA SER A 27 5.69 11.82 -3.48
C SER A 27 4.94 12.27 -2.23
N TRP A 28 5.48 13.23 -1.49
CA TRP A 28 4.86 13.69 -0.26
C TRP A 28 3.33 13.90 -0.32
N PRO A 29 2.74 14.41 -1.41
CA PRO A 29 1.27 14.54 -1.40
C PRO A 29 0.55 13.22 -1.23
N PHE A 30 1.23 12.11 -1.53
CA PHE A 30 0.63 10.79 -1.38
C PHE A 30 0.93 10.15 -0.04
N HIS A 31 1.66 10.85 0.83
CA HIS A 31 2.04 10.24 2.09
C HIS A 31 0.89 10.21 3.07
N HIS A 32 0.00 11.19 3.02
CA HIS A 32 -1.06 11.36 3.99
C HIS A 32 -2.40 11.53 3.30
N PRO A 33 -3.49 11.40 4.05
CA PRO A 33 -4.78 11.73 3.48
C PRO A 33 -4.73 13.14 2.94
N VAL A 34 -5.43 13.33 1.82
CA VAL A 34 -5.55 14.67 1.29
C VAL A 34 -6.18 15.55 2.36
N ASN A 35 -5.56 16.70 2.61
CA ASN A 35 -6.13 17.66 3.54
C ASN A 35 -7.27 18.47 2.88
N LYS A 36 -8.49 18.29 3.39
CA LYS A 36 -9.65 19.01 2.89
C LYS A 36 -9.42 20.51 2.87
N LYS A 37 -8.68 21.04 3.85
CA LYS A 37 -8.40 22.47 3.91
C LYS A 37 -7.77 22.99 2.63
N PHE A 38 -7.06 22.13 1.91
CA PHE A 38 -6.36 22.57 0.72
C PHE A 38 -7.06 22.17 -0.58
N VAL A 39 -7.90 21.16 -0.55
CA VAL A 39 -8.51 20.61 -1.74
C VAL A 39 -9.95 20.35 -1.34
N PRO A 40 -10.82 21.37 -1.43
CA PRO A 40 -12.13 21.25 -0.77
C PRO A 40 -13.06 20.25 -1.42
N ASP A 41 -12.88 19.90 -2.68
CA ASP A 41 -13.77 18.93 -3.31
C ASP A 41 -13.28 17.48 -3.22
N TYR A 42 -12.11 17.22 -2.61
CA TYR A 42 -11.47 15.92 -2.82
C TYR A 42 -12.39 14.78 -2.41
N TYR A 43 -12.88 14.84 -1.18
CA TYR A 43 -13.69 13.77 -0.62
C TYR A 43 -15.08 13.76 -1.20
N LYS A 44 -15.37 14.65 -2.15
CA LYS A 44 -16.61 14.60 -2.89
C LYS A 44 -16.44 13.95 -4.26
N VAL A 45 -15.25 13.93 -4.84
CA VAL A 45 -15.04 13.29 -6.13
C VAL A 45 -14.26 11.99 -5.95
N ILE A 46 -13.50 11.90 -4.88
CA ILE A 46 -12.82 10.64 -4.54
C ILE A 46 -13.63 9.95 -3.45
N VAL A 47 -14.23 8.82 -3.79
CA VAL A 47 -15.17 8.22 -2.87
C VAL A 47 -14.48 7.23 -1.92
N ASN A 48 -13.38 6.62 -2.33
CA ASN A 48 -12.54 5.79 -1.46
C ASN A 48 -11.14 6.37 -1.42
N PRO A 49 -10.84 7.24 -0.47
CA PRO A 49 -9.52 7.81 -0.38
C PRO A 49 -8.52 6.78 0.09
N MET A 50 -7.26 7.04 -0.22
CA MET A 50 -6.21 6.14 0.21
C MET A 50 -4.90 6.87 0.16
N ASP A 51 -4.00 6.47 1.04
CA ASP A 51 -2.69 7.07 1.13
C ASP A 51 -1.78 6.14 1.91
N LEU A 52 -0.50 6.49 1.89
CA LEU A 52 0.48 5.63 2.49
C LEU A 52 0.33 5.55 4.01
N GLU A 53 -0.02 6.66 4.65
CA GLU A 53 -0.11 6.61 6.11
C GLU A 53 -1.22 5.66 6.54
N THR A 54 -2.38 5.71 5.86
CA THR A 54 -3.45 4.79 6.25
C THR A 54 -3.06 3.36 5.93
N ILE A 55 -2.39 3.14 4.80
CA ILE A 55 -1.83 1.81 4.54
C ILE A 55 -0.93 1.37 5.70
N ARG A 56 -0.03 2.26 6.15
CA ARG A 56 0.77 1.93 7.31
C ARG A 56 -0.11 1.59 8.53
N LYS A 57 -1.17 2.36 8.77
CA LYS A 57 -2.06 2.05 9.88
C LYS A 57 -2.67 0.66 9.71
N ASN A 58 -3.01 0.29 8.48
CA ASN A 58 -3.54 -1.05 8.27
C ASN A 58 -2.47 -2.09 8.53
N ILE A 59 -1.22 -1.76 8.21
CA ILE A 59 -0.13 -2.69 8.45
C ILE A 59 0.07 -2.86 9.95
N SER A 60 -0.06 -1.76 10.71
CA SER A 60 0.04 -1.85 12.16
C SER A 60 -1.01 -2.78 12.72
N LYS A 61 -2.19 -2.82 12.12
CA LYS A 61 -3.25 -3.72 12.55
C LYS A 61 -3.27 -5.03 11.75
N HIS A 62 -2.16 -5.38 11.09
CA HIS A 62 -2.05 -6.64 10.36
C HIS A 62 -3.30 -6.92 9.51
N LYS A 63 -3.68 -5.92 8.69
CA LYS A 63 -4.84 -6.07 7.81
C LYS A 63 -4.51 -6.99 6.66
N TYR A 64 -3.31 -6.84 6.11
CA TYR A 64 -2.89 -7.57 4.93
C TYR A 64 -2.18 -8.84 5.38
N GLN A 65 -2.65 -9.98 4.89
CA GLN A 65 -2.07 -11.29 5.12
C GLN A 65 -1.40 -11.86 3.89
N SER A 66 -1.66 -11.26 2.73
CA SER A 66 -1.04 -11.60 1.47
C SER A 66 -0.68 -10.29 0.76
N ARG A 67 0.17 -10.39 -0.26
CA ARG A 67 0.46 -9.29 -1.17
C ARG A 67 -0.81 -8.61 -1.72
N GLU A 68 -1.88 -9.35 -1.89
CA GLU A 68 -2.87 -8.93 -2.87
C GLU A 68 -3.83 -7.89 -2.31
N SER A 69 -4.35 -8.10 -1.09
CA SER A 69 -5.15 -7.06 -0.43
C SER A 69 -4.33 -5.79 -0.21
N PHE A 70 -3.01 -5.93 -0.08
CA PHE A 70 -2.12 -4.79 0.05
C PHE A 70 -2.06 -4.02 -1.26
N LEU A 71 -1.74 -4.73 -2.36
CA LEU A 71 -1.69 -4.10 -3.68
C LEU A 71 -3.01 -3.44 -4.06
N ASP A 72 -4.13 -4.08 -3.72
CA ASP A 72 -5.43 -3.41 -3.83
C ASP A 72 -5.32 -1.95 -3.34
N ASP A 73 -4.86 -1.76 -2.10
CA ASP A 73 -4.90 -0.41 -1.54
C ASP A 73 -3.85 0.49 -2.17
N VAL A 74 -2.69 -0.05 -2.54
CA VAL A 74 -1.75 0.85 -3.20
C VAL A 74 -2.27 1.23 -4.57
N ASN A 75 -2.74 0.25 -5.34
CA ASN A 75 -3.28 0.54 -6.67
C ASN A 75 -4.38 1.58 -6.62
N LEU A 76 -5.12 1.58 -5.50
CA LEU A 76 -6.18 2.54 -5.31
C LEU A 76 -5.66 3.97 -5.30
N ILE A 77 -4.49 4.19 -4.70
CA ILE A 77 -3.89 5.52 -4.68
C ILE A 77 -3.69 6.06 -6.09
N LEU A 78 -3.26 5.19 -7.01
CA LEU A 78 -3.07 5.59 -8.40
C LEU A 78 -4.41 5.79 -9.08
N ALA A 79 -5.29 4.79 -8.96
CA ALA A 79 -6.66 4.93 -9.45
C ALA A 79 -7.28 6.24 -9.01
N ASN A 80 -7.00 6.67 -7.78
CA ASN A 80 -7.60 7.91 -7.32
C ASN A 80 -6.95 9.12 -7.98
N SER A 81 -5.67 9.03 -8.27
CA SER A 81 -5.02 10.17 -8.88
C SER A 81 -5.49 10.37 -10.31
N VAL A 82 -5.77 9.28 -11.01
CA VAL A 82 -6.22 9.43 -12.38
C VAL A 82 -7.58 10.10 -12.42
N LYS A 83 -8.49 9.75 -11.50
CA LYS A 83 -9.78 10.42 -11.53
C LYS A 83 -9.64 11.89 -11.14
N TYR A 84 -8.90 12.20 -10.08
CA TYR A 84 -8.87 13.61 -9.69
C TYR A 84 -7.94 14.44 -10.57
N ASN A 85 -6.75 13.94 -10.86
CA ASN A 85 -5.75 14.77 -11.53
C ASN A 85 -5.71 14.52 -13.02
N GLY A 86 -6.26 13.42 -13.48
CA GLY A 86 -6.22 13.11 -14.88
C GLY A 86 -5.11 12.15 -15.22
N PRO A 87 -5.25 11.49 -16.36
CA PRO A 87 -4.34 10.39 -16.68
C PRO A 87 -2.90 10.82 -16.94
N GLU A 88 -2.66 12.03 -17.48
CA GLU A 88 -1.26 12.38 -17.69
C GLU A 88 -0.86 13.65 -16.94
N SER A 89 -1.33 13.76 -15.69
CA SER A 89 -0.84 14.76 -14.75
C SER A 89 0.44 14.30 -14.08
N GLN A 90 1.34 15.26 -13.84
CA GLN A 90 2.62 14.93 -13.19
C GLN A 90 2.42 14.29 -11.83
N TYR A 91 1.33 14.64 -11.13
CA TYR A 91 0.99 13.98 -9.87
C TYR A 91 0.59 12.52 -10.10
N THR A 92 -0.21 12.27 -11.14
CA THR A 92 -0.50 10.88 -11.51
C THR A 92 0.78 10.12 -11.85
N LYS A 93 1.77 10.81 -12.45
CA LYS A 93 2.98 10.12 -12.85
C LYS A 93 3.82 9.73 -11.64
N THR A 94 3.85 10.54 -10.59
CA THR A 94 4.62 10.12 -9.43
C THR A 94 3.89 9.02 -8.68
N ALA A 95 2.56 9.08 -8.60
CA ALA A 95 1.82 7.94 -8.09
C ALA A 95 2.13 6.68 -8.88
N GLN A 96 2.18 6.80 -10.20
CA GLN A 96 2.55 5.64 -10.99
C GLN A 96 3.89 5.06 -10.50
N GLU A 97 4.88 5.92 -10.28
CA GLU A 97 6.16 5.36 -9.90
C GLU A 97 6.11 4.76 -8.49
N ILE A 98 5.35 5.36 -7.58
CA ILE A 98 5.10 4.69 -6.31
C ILE A 98 4.55 3.29 -6.55
N VAL A 99 3.49 3.16 -7.35
CA VAL A 99 3.01 1.82 -7.69
C VAL A 99 4.14 0.98 -8.27
N ASN A 100 5.02 1.58 -9.07
CA ASN A 100 6.02 0.74 -9.76
C ASN A 100 7.02 0.20 -8.76
N VAL A 101 7.62 1.08 -7.96
CA VAL A 101 8.65 0.63 -7.01
C VAL A 101 8.04 -0.35 -6.02
N CYS A 102 6.75 -0.24 -5.76
CA CYS A 102 6.14 -1.25 -4.91
C CYS A 102 6.25 -2.63 -5.57
N TYR A 103 5.79 -2.78 -6.81
CA TYR A 103 5.87 -4.07 -7.49
C TYR A 103 7.30 -4.54 -7.61
N GLN A 104 8.22 -3.61 -7.92
CA GLN A 104 9.64 -3.96 -8.05
C GLN A 104 10.14 -4.61 -6.78
N THR A 105 9.85 -3.99 -5.64
CA THR A 105 10.29 -4.57 -4.38
C THR A 105 9.63 -5.93 -4.14
N LEU A 106 8.33 -6.04 -4.39
CA LEU A 106 7.68 -7.30 -4.09
C LEU A 106 8.26 -8.46 -4.88
N THR A 107 8.63 -8.24 -6.14
CA THR A 107 9.19 -9.35 -6.89
C THR A 107 10.61 -9.68 -6.40
N GLU A 108 11.37 -8.66 -5.98
CA GLU A 108 12.68 -8.90 -5.37
C GLU A 108 12.58 -9.87 -4.20
N TYR A 109 11.53 -9.72 -3.38
CA TYR A 109 11.30 -10.56 -2.24
C TYR A 109 10.22 -11.62 -2.50
N ASP A 110 9.94 -11.94 -3.77
CA ASP A 110 8.79 -12.79 -4.08
C ASP A 110 8.88 -14.11 -3.32
N GLU A 111 9.97 -14.85 -3.53
CA GLU A 111 10.09 -16.17 -2.92
C GLU A 111 10.01 -16.08 -1.40
N HIS A 112 10.68 -15.08 -0.82
CA HIS A 112 10.59 -14.86 0.61
C HIS A 112 9.17 -14.57 1.06
N LEU A 113 8.48 -13.65 0.39
CA LEU A 113 7.10 -13.36 0.79
C LEU A 113 6.17 -14.54 0.56
N THR A 114 6.37 -15.31 -0.52
CA THR A 114 5.50 -16.45 -0.74
C THR A 114 5.52 -17.39 0.46
N GLN A 115 6.72 -17.63 1.03
CA GLN A 115 6.84 -18.50 2.20
C GLN A 115 6.00 -17.96 3.36
N LEU A 116 6.31 -16.73 3.79
CA LEU A 116 5.48 -16.04 4.78
C LEU A 116 3.98 -16.14 4.50
N GLU A 117 3.59 -15.90 3.25
CA GLU A 117 2.18 -15.91 2.88
C GLU A 117 1.57 -17.29 3.11
N LYS A 118 2.30 -18.36 2.73
CA LYS A 118 1.79 -19.71 2.93
C LYS A 118 1.59 -20.02 4.41
N ASP A 119 2.63 -19.79 5.21
CA ASP A 119 2.57 -20.15 6.63
C ASP A 119 1.43 -19.41 7.31
N ILE A 120 1.15 -18.18 6.87
CA ILE A 120 0.07 -17.45 7.49
C ILE A 120 -1.29 -18.07 7.15
N CYS A 121 -1.50 -18.49 5.88
CA CYS A 121 -2.79 -19.08 5.50
C CYS A 121 -3.00 -20.43 6.15
N THR A 122 -1.94 -21.23 6.26
CA THR A 122 -2.10 -22.54 6.91
C THR A 122 -2.44 -22.36 8.40
N ALA A 123 -1.71 -21.47 9.08
CA ALA A 123 -2.04 -21.14 10.46
C ALA A 123 -3.49 -20.71 10.61
N LYS A 124 -3.89 -19.68 9.86
CA LYS A 124 -5.27 -19.23 9.85
C LYS A 124 -6.23 -20.40 9.61
N GLU A 125 -6.11 -21.06 8.46
CA GLU A 125 -7.05 -22.12 8.11
C GLU A 125 -7.03 -23.27 9.11
N ALA A 126 -5.91 -23.50 9.81
CA ALA A 126 -5.87 -24.54 10.83
C ALA A 126 -6.14 -24.02 12.23
N ALA A 127 -6.14 -22.69 12.42
CA ALA A 127 -6.55 -22.14 13.71
C ALA A 127 -8.02 -22.44 14.00
N LEU A 128 -8.79 -22.80 12.98
CA LEU A 128 -10.23 -23.01 13.15
C LEU A 128 -10.53 -24.47 13.45
N GLU A 129 -9.82 -25.03 14.43
CA GLU A 129 -9.95 -26.43 14.82
C GLU A 129 -10.82 -26.63 16.08
#